data_2H1U
#
_entry.id   2H1U
#
_cell.length_a   50.084
_cell.length_b   57.570
_cell.length_c   74.146
_cell.angle_alpha   90.00
_cell.angle_beta   90.00
_cell.angle_gamma   90.00
#
_symmetry.space_group_name_H-M   'P 21 21 21'
#
loop_
_entity.id
_entity.type
_entity.pdbx_description
1 polymer MFLE
2 polymer Elastase-1
3 non-polymer 'CALCIUM ION'
4 non-polymer 'SULFATE ION'
5 water water
#
loop_
_entity_poly.entity_id
_entity_poly.type
_entity_poly.pdbx_seq_one_letter_code
_entity_poly.pdbx_strand_id
1 'polypeptide(L)' MFLE P
2 'polypeptide(L)'
;VVGGTEAQRNSWPSQISLQYRSGSSWAHTCGGTLIRQNWVMTAAHCVDRELTFRVVVGEHNLNQNNGTEQYVGVQKIVVH
PYWNTDDVAAGYDIALLRLAQSVTLNSYVQLGVLPRAGTILANNSPCYITGWGLTRTNGQLAQTLQQAYLPTVDYAICSS
SSYWGSTVKNSMVCAGGDGVRSGCQGDSGGPLHCLVNGQYAVHGVTSFVSRLGCNVTRKPTVFTRVSAYISWINNVIASN
;
A
#
loop_
_chem_comp.id
_chem_comp.type
_chem_comp.name
_chem_comp.formula
CA non-polymer 'CALCIUM ION' 'Ca 2'
SO4 non-polymer 'SULFATE ION' 'O4 S -2'
#
# COMPACT_ATOMS: atom_id res chain seq x y z
N MET A 1 5.62 3.84 -6.75
CA MET A 1 5.68 5.08 -5.93
C MET A 1 5.72 4.89 -4.39
N PHE A 2 6.79 4.37 -3.76
CA PHE A 2 8.00 3.67 -4.28
C PHE A 2 9.27 4.45 -3.98
N LEU A 3 9.56 4.60 -2.69
CA LEU A 3 10.70 5.38 -2.23
N VAL B 1 2.22 10.52 1.64
CA VAL B 1 0.82 11.02 1.50
C VAL B 1 0.83 12.53 1.44
N VAL B 2 0.32 13.08 0.35
CA VAL B 2 0.18 14.53 0.21
C VAL B 2 -1.18 14.92 0.78
N GLY B 3 -1.23 15.99 1.58
CA GLY B 3 -2.48 16.47 2.14
C GLY B 3 -3.08 15.55 3.19
N GLY B 4 -2.21 14.81 3.86
CA GLY B 4 -2.67 13.92 4.95
C GLY B 4 -2.68 14.60 6.29
N THR B 5 -3.14 13.85 7.29
CA THR B 5 -3.06 14.22 8.70
C THR B 5 -2.33 13.09 9.43
N GLU B 6 -1.76 13.38 10.59
CA GLU B 6 -1.06 12.33 11.31
C GLU B 6 -2.08 11.32 11.83
N ALA B 7 -1.85 10.04 11.53
CA ALA B 7 -2.69 8.95 12.02
C ALA B 7 -2.51 8.82 13.57
N GLN B 8 -3.57 8.48 14.28
CA GLN B 8 -3.39 7.97 15.64
C GLN B 8 -2.57 6.68 15.59
N ARG B 9 -1.76 6.49 16.62
CA ARG B 9 -0.84 5.37 16.77
C ARG B 9 -1.46 3.98 16.61
N ASN B 10 -2.74 3.87 16.93
CA ASN B 10 -3.41 2.57 16.93
C ASN B 10 -4.55 2.46 15.92
N SER B 11 -4.61 3.40 14.98
CA SER B 11 -5.70 3.41 13.99
C SER B 11 -5.54 2.34 12.92
N TRP B 12 -4.29 2.08 12.49
CA TRP B 12 -4.04 1.24 11.31
C TRP B 12 -2.96 0.18 11.60
N PRO B 13 -3.28 -0.74 12.51
CA PRO B 13 -2.25 -1.67 13.03
C PRO B 13 -1.73 -2.71 12.02
N SER B 14 -2.36 -2.79 10.85
CA SER B 14 -1.85 -3.70 9.84
C SER B 14 -0.83 -3.04 8.93
N GLN B 15 -0.67 -1.72 9.05
CA GLN B 15 0.31 -1.01 8.23
C GLN B 15 1.71 -1.37 8.66
N ILE B 16 2.56 -1.73 7.70
CA ILE B 16 3.98 -1.97 7.95
C ILE B 16 4.86 -1.04 7.10
N SER B 17 6.10 -0.90 7.53
CA SER B 17 7.15 -0.21 6.80
C SER B 17 8.12 -1.23 6.19
N LEU B 18 8.25 -1.21 4.87
CA LEU B 18 9.24 -2.09 4.20
C LEU B 18 10.48 -1.24 3.98
N GLN B 19 11.62 -1.74 4.47
CA GLN B 19 12.82 -0.95 4.52
C GLN B 19 13.95 -1.72 3.86
N TYR B 20 14.95 -1.01 3.35
CA TYR B 20 16.10 -1.71 2.81
C TYR B 20 17.36 -1.24 3.50
N ARG B 21 18.36 -2.11 3.49
CA ARG B 21 19.61 -1.81 4.16
C ARG B 21 20.37 -0.82 3.31
N SER B 22 20.85 0.22 3.97
CA SER B 22 21.49 1.36 3.32
C SER B 22 22.67 1.69 4.25
N GLY B 23 23.87 1.24 3.86
CA GLY B 23 25.07 1.41 4.69
C GLY B 23 24.95 0.70 6.02
N SER B 24 25.16 1.46 7.10
CA SER B 24 25.03 0.93 8.46
C SER B 24 23.61 1.10 9.01
N SER B 25 22.67 1.41 8.14
CA SER B 25 21.31 1.65 8.60
C SER B 25 20.25 1.19 7.60
N TRP B 26 19.02 1.63 7.83
CA TRP B 26 17.86 1.16 7.09
C TRP B 26 17.06 2.35 6.56
N ALA B 27 16.52 2.21 5.35
CA ALA B 27 15.72 3.29 4.77
C ALA B 27 14.35 2.76 4.42
N HIS B 28 13.31 3.51 4.81
CA HIS B 28 11.96 3.18 4.37
C HIS B 28 11.83 3.35 2.88
N THR B 29 11.24 2.34 2.20
CA THR B 29 11.02 2.42 0.77
C THR B 29 9.55 2.25 0.35
N CYS B 30 8.80 1.48 1.12
CA CYS B 30 7.41 1.11 0.76
C CYS B 30 6.58 0.81 1.97
N GLY B 31 5.27 0.81 1.79
CA GLY B 31 4.37 0.29 2.81
C GLY B 31 4.01 -1.13 2.45
N GLY B 32 3.22 -1.70 3.34
CA GLY B 32 2.65 -3.02 3.13
C GLY B 32 1.55 -3.24 4.13
N THR B 33 0.88 -4.38 3.99
CA THR B 33 -0.17 -4.76 4.93
C THR B 33 0.16 -6.11 5.53
N LEU B 34 0.16 -6.20 6.85
CA LEU B 34 0.39 -7.50 7.51
C LEU B 34 -0.91 -8.31 7.32
N ILE B 35 -0.82 -9.47 6.67
CA ILE B 35 -2.02 -10.28 6.43
C ILE B 35 -2.03 -11.63 7.14
N ARG B 36 -0.86 -12.12 7.53
CA ARG B 36 -0.70 -13.23 8.49
C ARG B 36 0.43 -12.84 9.44
N GLN B 37 0.56 -13.58 10.53
CA GLN B 37 1.63 -13.26 11.47
C GLN B 37 2.99 -13.34 10.79
N ASN B 38 3.08 -14.13 9.71
CA ASN B 38 4.35 -14.23 8.98
C ASN B 38 4.26 -13.90 7.50
N TRP B 39 3.23 -13.15 7.10
CA TRP B 39 3.10 -12.70 5.70
C TRP B 39 2.67 -11.24 5.58
N VAL B 40 3.34 -10.55 4.67
CA VAL B 40 3.02 -9.17 4.29
C VAL B 40 2.64 -9.06 2.83
N MET B 41 1.56 -8.32 2.55
CA MET B 41 1.15 -8.01 1.20
C MET B 41 1.68 -6.63 0.85
N THR B 42 2.37 -6.53 -0.28
CA THR B 42 2.94 -5.29 -0.74
C THR B 42 2.83 -5.20 -2.27
N ALA B 43 3.45 -4.18 -2.86
CA ALA B 43 3.45 -4.02 -4.35
C ALA B 43 4.64 -4.76 -4.93
N ALA B 44 4.43 -5.43 -6.05
CA ALA B 44 5.53 -6.05 -6.77
C ALA B 44 6.65 -5.08 -7.06
N HIS B 45 6.32 -3.85 -7.45
CA HIS B 45 7.39 -2.93 -7.86
C HIS B 45 8.27 -2.52 -6.70
N CYS B 46 7.80 -2.76 -5.48
CA CYS B 46 8.60 -2.43 -4.30
C CYS B 46 9.79 -3.36 -4.15
N VAL B 47 9.66 -4.55 -4.73
CA VAL B 47 10.71 -5.56 -4.57
C VAL B 47 11.39 -5.94 -5.89
N ASP B 48 11.32 -5.04 -6.89
CA ASP B 48 12.07 -5.23 -8.18
C ASP B 48 13.59 -5.16 -7.91
N ARG B 49 14.02 -4.28 -7.01
CA ARG B 49 15.46 -4.14 -6.78
C ARG B 49 16.01 -5.28 -5.91
N GLU B 50 17.26 -5.66 -6.16
CA GLU B 50 17.90 -6.79 -5.49
C GLU B 50 18.46 -6.39 -4.13
N LEU B 51 17.62 -5.78 -3.30
CA LEU B 51 18.05 -5.21 -2.01
C LEU B 51 17.86 -6.18 -0.84
N THR B 52 18.44 -5.85 0.31
CA THR B 52 18.13 -6.55 1.56
C THR B 52 16.97 -5.83 2.22
N PHE B 53 15.87 -6.54 2.41
CA PHE B 53 14.66 -5.93 2.98
C PHE B 53 14.36 -6.40 4.38
N ARG B 54 13.79 -5.51 5.20
CA ARG B 54 13.19 -5.93 6.47
C ARG B 54 11.82 -5.31 6.55
N VAL B 55 10.99 -5.89 7.42
CA VAL B 55 9.67 -5.34 7.69
C VAL B 55 9.65 -4.83 9.12
N VAL B 56 9.03 -3.66 9.34
CA VAL B 56 8.83 -3.13 10.68
C VAL B 56 7.32 -3.04 10.92
N VAL B 57 6.85 -3.73 11.95
CA VAL B 57 5.45 -3.65 12.36
C VAL B 57 5.40 -2.84 13.64
N GLY B 58 4.21 -2.33 13.96
CA GLY B 58 4.07 -1.46 15.15
C GLY B 58 4.90 -0.21 15.05
N GLU B 59 5.13 0.25 13.82
CA GLU B 59 5.82 1.52 13.62
C GLU B 59 4.90 2.71 13.53
N HIS B 60 5.37 3.87 14.03
CA HIS B 60 4.61 5.11 13.91
C HIS B 60 5.51 6.24 13.41
N ASN B 61 6.62 6.45 14.11
CA ASN B 61 7.54 7.49 13.72
C ASN B 61 8.84 6.86 13.24
N LEU B 62 9.18 7.08 11.97
CA LEU B 62 10.37 6.45 11.40
C LEU B 62 11.66 6.98 12.00
N ASN B 63 11.56 8.13 12.65
CA ASN B 63 12.76 8.81 13.14
C ASN B 63 12.91 8.80 14.65
N GLN B 64 12.01 8.12 15.35
CA GLN B 64 12.02 8.07 16.81
C GLN B 64 11.60 6.69 17.32
N ASN B 65 12.14 6.29 18.48
CA ASN B 65 11.70 5.06 19.14
C ASN B 65 10.29 5.23 19.67
N ASN B 66 9.38 4.36 19.24
CA ASN B 66 7.99 4.42 19.69
C ASN B 66 7.70 3.46 20.83
N GLY B 67 8.61 2.52 21.08
CA GLY B 67 8.42 1.52 22.12
C GLY B 67 7.48 0.42 21.75
N THR B 68 7.16 0.34 20.46
CA THR B 68 6.17 -0.64 19.96
C THR B 68 6.63 -1.44 18.74
N GLU B 69 7.77 -1.07 18.17
CA GLU B 69 8.22 -1.66 16.89
C GLU B 69 8.65 -3.13 17.06
N GLN B 70 8.41 -3.96 16.03
CA GLN B 70 9.09 -5.26 15.93
C GLN B 70 9.75 -5.29 14.56
N TYR B 71 10.99 -5.77 14.50
CA TYR B 71 11.76 -5.77 13.26
C TYR B 71 11.97 -7.21 12.84
N VAL B 72 11.72 -7.53 11.57
CA VAL B 72 11.83 -8.91 11.11
C VAL B 72 12.35 -8.96 9.69
N GLY B 73 13.27 -9.89 9.41
CA GLY B 73 13.78 -10.01 8.06
C GLY B 73 12.75 -10.62 7.12
N VAL B 74 12.95 -10.42 5.83
CA VAL B 74 12.13 -11.03 4.79
C VAL B 74 12.80 -12.31 4.29
N GLN B 75 12.10 -13.43 4.42
CA GLN B 75 12.65 -14.75 4.14
C GLN B 75 12.40 -15.19 2.72
N LYS B 76 11.23 -14.84 2.18
CA LYS B 76 10.88 -15.25 0.85
C LYS B 76 10.00 -14.19 0.19
N ILE B 77 10.25 -13.92 -1.09
CA ILE B 77 9.48 -12.92 -1.82
C ILE B 77 8.78 -13.61 -2.97
N VAL B 78 7.45 -13.54 -2.98
CA VAL B 78 6.66 -14.14 -4.06
C VAL B 78 5.93 -13.03 -4.83
N VAL B 79 6.43 -12.73 -6.03
CA VAL B 79 5.82 -11.69 -6.85
C VAL B 79 4.77 -12.34 -7.75
N HIS B 80 3.69 -11.63 -8.03
CA HIS B 80 2.73 -12.21 -8.97
C HIS B 80 3.44 -12.57 -10.28
N PRO B 81 3.25 -13.80 -10.75
CA PRO B 81 4.00 -14.21 -11.95
C PRO B 81 3.70 -13.47 -13.23
N TYR B 82 2.61 -12.70 -13.28
CA TYR B 82 2.34 -11.89 -14.47
C TYR B 82 2.89 -10.47 -14.37
N TRP B 83 3.49 -10.13 -13.22
CA TRP B 83 4.09 -8.80 -13.05
C TRP B 83 5.15 -8.52 -14.09
N ASN B 84 5.09 -7.31 -14.68
CA ASN B 84 6.14 -6.87 -15.62
C ASN B 84 6.59 -5.50 -15.19
N THR B 85 7.85 -5.38 -14.75
CA THR B 85 8.34 -4.09 -14.27
C THR B 85 8.28 -2.98 -15.34
N ASP B 86 8.31 -3.39 -16.61
CA ASP B 86 8.24 -2.49 -17.79
C ASP B 86 6.84 -1.90 -18.04
N ASP B 87 5.83 -2.40 -17.31
CA ASP B 87 4.44 -2.11 -17.61
C ASP B 87 3.57 -2.10 -16.37
N VAL B 88 3.71 -1.10 -15.49
CA VAL B 88 2.87 -1.06 -14.27
C VAL B 88 1.38 -0.97 -14.63
N ALA B 89 1.09 -0.36 -15.79
CA ALA B 89 -0.27 -0.17 -16.24
C ALA B 89 -0.96 -1.48 -16.57
N ALA B 90 -0.19 -2.54 -16.79
CA ALA B 90 -0.78 -3.87 -17.07
C ALA B 90 -1.42 -4.48 -15.84
N GLY B 91 -0.98 -4.01 -14.66
CA GLY B 91 -1.45 -4.54 -13.38
C GLY B 91 -0.54 -5.60 -12.79
N TYR B 92 -1.12 -6.46 -11.94
CA TYR B 92 -0.41 -7.55 -11.29
C TYR B 92 0.65 -7.00 -10.33
N ASP B 93 0.44 -5.76 -9.88
CA ASP B 93 1.41 -5.13 -8.98
C ASP B 93 1.15 -5.56 -7.53
N ILE B 94 1.54 -6.79 -7.24
CA ILE B 94 1.30 -7.35 -5.92
C ILE B 94 2.37 -8.40 -5.64
N ALA B 95 2.77 -8.47 -4.38
CA ALA B 95 3.76 -9.44 -3.96
C ALA B 95 3.49 -9.81 -2.53
N LEU B 96 3.88 -11.01 -2.15
CA LEU B 96 3.76 -11.45 -0.75
C LEU B 96 5.12 -11.75 -0.19
N LEU B 97 5.35 -11.30 1.03
CA LEU B 97 6.65 -11.49 1.67
C LEU B 97 6.47 -12.43 2.85
N ARG B 98 7.21 -13.54 2.88
CA ARG B 98 7.17 -14.40 4.05
C ARG B 98 8.22 -13.90 5.04
N LEU B 99 7.81 -13.62 6.27
CA LEU B 99 8.71 -13.05 7.26
C LEU B 99 9.53 -14.16 7.91
N ALA B 100 10.76 -13.84 8.31
CA ALA B 100 11.65 -14.88 8.87
C ALA B 100 11.10 -15.40 10.22
N GLN B 101 10.36 -14.56 10.92
CA GLN B 101 9.71 -14.93 12.17
C GLN B 101 8.29 -14.39 12.19
N SER B 102 7.43 -15.04 12.97
CA SER B 102 6.07 -14.58 13.16
C SER B 102 6.03 -13.46 14.17
N VAL B 103 5.41 -12.35 13.80
CA VAL B 103 5.31 -11.23 14.70
C VAL B 103 4.21 -11.44 15.72
N THR B 104 4.31 -10.72 16.84
CA THR B 104 3.36 -10.81 17.93
C THR B 104 2.29 -9.74 17.76
N LEU B 105 1.01 -10.14 17.86
CA LEU B 105 -0.08 -9.21 17.68
C LEU B 105 -0.46 -8.50 18.97
N ASN B 106 -0.88 -7.24 18.82
CA ASN B 106 -1.30 -6.39 19.94
C ASN B 106 -2.02 -5.17 19.35
N SER B 107 -2.22 -4.13 20.16
CA SER B 107 -2.98 -2.96 19.70
C SER B 107 -2.34 -2.28 18.49
N TYR B 108 -1.02 -2.47 18.33
CA TYR B 108 -0.25 -1.79 17.30
C TYR B 108 0.07 -2.69 16.12
N VAL B 109 -0.23 -3.98 16.27
CA VAL B 109 0.14 -4.98 15.27
C VAL B 109 -1.02 -5.94 15.10
N GLN B 110 -1.77 -5.79 14.00
CA GLN B 110 -2.93 -6.65 13.75
C GLN B 110 -2.96 -7.07 12.29
N LEU B 111 -3.65 -8.16 12.01
CA LEU B 111 -3.79 -8.57 10.61
C LEU B 111 -4.78 -7.65 9.88
N GLY B 112 -4.46 -7.31 8.65
CA GLY B 112 -5.39 -6.54 7.84
C GLY B 112 -6.55 -7.39 7.39
N VAL B 113 -7.75 -6.80 7.48
CA VAL B 113 -8.96 -7.43 7.01
C VAL B 113 -9.02 -7.26 5.48
N LEU B 114 -9.20 -8.34 4.74
CA LEU B 114 -9.26 -8.26 3.28
C LEU B 114 -10.69 -8.44 2.82
N PRO B 115 -11.06 -7.82 1.70
CA PRO B 115 -12.44 -7.90 1.22
C PRO B 115 -12.72 -9.28 0.66
N ARG B 116 -14.00 -9.64 0.56
CA ARG B 116 -14.32 -10.88 -0.13
C ARG B 116 -13.98 -10.75 -1.63
N ALA B 117 -13.61 -11.88 -2.23
CA ALA B 117 -13.28 -11.91 -3.66
C ALA B 117 -14.37 -11.29 -4.52
N GLY B 118 -13.95 -10.47 -5.47
CA GLY B 118 -14.86 -9.90 -6.47
C GLY B 118 -15.51 -8.59 -6.05
N THR B 119 -15.32 -8.21 -4.77
CA THR B 119 -16.00 -7.00 -4.25
C THR B 119 -15.53 -5.74 -4.97
N ILE B 120 -16.48 -4.96 -5.48
CA ILE B 120 -16.18 -3.66 -6.10
C ILE B 120 -16.92 -2.58 -5.31
N LEU B 121 -16.26 -1.46 -5.06
CA LEU B 121 -16.87 -0.39 -4.28
C LEU B 121 -17.64 0.56 -5.17
N ALA B 122 -18.76 1.07 -4.65
CA ALA B 122 -19.54 2.08 -5.37
C ALA B 122 -18.64 3.29 -5.55
N ASN B 123 -18.87 4.05 -6.63
CA ASN B 123 -18.17 5.32 -6.80
C ASN B 123 -18.29 6.18 -5.55
N ASN B 124 -17.20 6.91 -5.25
CA ASN B 124 -17.18 7.83 -4.10
C ASN B 124 -17.28 7.15 -2.73
N SER B 125 -16.83 5.89 -2.63
CA SER B 125 -16.85 5.15 -1.37
C SER B 125 -15.75 5.69 -0.46
N PRO B 126 -16.02 5.76 0.85
CA PRO B 126 -15.08 6.34 1.77
C PRO B 126 -13.88 5.42 2.07
N CYS B 127 -12.68 5.95 1.85
CA CYS B 127 -11.43 5.22 2.09
C CYS B 127 -10.36 6.18 2.59
N TYR B 128 -9.38 5.62 3.31
CA TYR B 128 -8.15 6.34 3.67
C TYR B 128 -6.94 5.65 3.11
N ILE B 129 -6.04 6.43 2.54
CA ILE B 129 -4.71 5.91 2.24
C ILE B 129 -3.85 6.19 3.46
N THR B 130 -2.92 5.29 3.78
CA THR B 130 -1.97 5.53 4.84
C THR B 130 -0.54 5.25 4.39
N GLY B 131 0.40 5.97 4.99
CA GLY B 131 1.81 5.70 4.64
C GLY B 131 2.76 6.77 5.10
N TRP B 132 4.06 6.48 4.94
CA TRP B 132 5.09 7.46 5.26
C TRP B 132 5.68 8.09 3.99
N GLY B 133 4.97 7.97 2.87
CA GLY B 133 5.47 8.50 1.60
C GLY B 133 5.59 10.02 1.54
N LEU B 134 6.11 10.55 0.44
CA LEU B 134 6.36 12.00 0.34
C LEU B 134 5.13 12.80 0.70
N THR B 135 5.35 13.94 1.37
CA THR B 135 4.24 14.80 1.78
C THR B 135 4.00 15.92 0.77
N ARG B 136 4.89 16.02 -0.23
CA ARG B 136 4.65 16.86 -1.39
C ARG B 136 5.30 16.16 -2.59
N THR B 137 4.74 16.42 -3.89
CA THR B 137 5.43 15.99 -5.10
C THR B 137 6.89 16.40 -4.99
N ASN B 138 7.79 15.43 -5.20
CA ASN B 138 9.24 15.74 -5.13
C ASN B 138 9.67 16.26 -3.76
N GLY B 139 8.93 15.84 -2.73
CA GLY B 139 9.24 16.24 -1.36
C GLY B 139 10.02 15.18 -0.61
N GLN B 140 9.68 15.04 0.66
CA GLN B 140 10.36 14.07 1.51
C GLN B 140 9.37 13.22 2.27
N LEU B 141 9.84 12.04 2.67
CA LEU B 141 9.00 11.14 3.45
C LEU B 141 8.49 11.80 4.71
N ALA B 142 7.32 11.37 5.16
CA ALA B 142 6.84 11.76 6.50
C ALA B 142 7.67 11.09 7.57
N GLN B 143 7.76 11.75 8.73
CA GLN B 143 8.28 11.05 9.92
C GLN B 143 7.20 10.20 10.57
N THR B 144 6.04 10.77 10.80
CA THR B 144 4.94 10.05 11.43
C THR B 144 3.96 9.53 10.38
N LEU B 145 3.38 8.37 10.65
CA LEU B 145 2.43 7.76 9.72
C LEU B 145 1.32 8.74 9.39
N GLN B 146 1.00 8.87 8.10
CA GLN B 146 -0.03 9.83 7.63
C GLN B 146 -1.24 9.12 7.06
N GLN B 147 -2.39 9.78 7.13
CA GLN B 147 -3.60 9.25 6.49
C GLN B 147 -4.24 10.37 5.65
N ALA B 148 -4.86 10.01 4.53
CA ALA B 148 -5.66 10.99 3.79
C ALA B 148 -6.92 10.35 3.31
N TYR B 149 -7.99 11.15 3.35
CA TYR B 149 -9.30 10.66 2.96
C TYR B 149 -9.34 10.73 1.43
N LEU B 150 -9.48 9.58 0.78
CA LEU B 150 -9.46 9.49 -0.67
C LEU B 150 -10.66 8.65 -1.12
N PRO B 151 -11.78 9.29 -1.46
CA PRO B 151 -12.95 8.51 -1.89
C PRO B 151 -12.67 7.84 -3.23
N THR B 152 -13.25 6.66 -3.46
CA THR B 152 -12.99 5.96 -4.71
C THR B 152 -13.55 6.69 -5.92
N VAL B 153 -12.96 6.39 -7.07
CA VAL B 153 -13.43 6.86 -8.37
C VAL B 153 -13.62 5.58 -9.16
N ASP B 154 -14.86 5.24 -9.51
CA ASP B 154 -15.11 3.93 -10.11
C ASP B 154 -14.43 3.75 -11.47
N TYR B 155 -14.42 2.50 -11.96
CA TYR B 155 -13.68 2.16 -13.17
C TYR B 155 -14.14 2.97 -14.38
N ALA B 156 -15.46 3.12 -14.52
CA ALA B 156 -16.01 3.86 -15.67
C ALA B 156 -15.46 5.28 -15.74
N ILE B 157 -15.40 5.97 -14.59
CA ILE B 157 -14.91 7.35 -14.55
C ILE B 157 -13.39 7.33 -14.61
N CYS B 158 -12.77 6.45 -13.83
CA CYS B 158 -11.31 6.45 -13.75
C CYS B 158 -10.63 6.15 -15.10
N SER B 159 -11.29 5.31 -15.92
CA SER B 159 -10.70 4.92 -17.19
C SER B 159 -11.21 5.79 -18.34
N SER B 160 -11.95 6.86 -18.01
CA SER B 160 -12.40 7.82 -19.01
C SER B 160 -11.20 8.66 -19.45
N SER B 161 -11.33 9.31 -20.61
CA SER B 161 -10.19 10.02 -21.22
C SER B 161 -9.54 11.12 -20.36
N SER B 162 -10.33 11.89 -19.64
CA SER B 162 -9.77 13.00 -18.85
C SER B 162 -9.15 12.53 -17.52
N TYR B 163 -9.45 11.29 -17.12
CA TYR B 163 -8.79 10.68 -15.96
C TYR B 163 -7.61 9.87 -16.46
N TRP B 164 -7.61 8.55 -16.27
CA TRP B 164 -6.46 7.72 -16.62
C TRP B 164 -6.57 6.98 -17.94
N GLY B 165 -7.74 7.06 -18.59
CA GLY B 165 -7.93 6.37 -19.87
C GLY B 165 -7.63 4.88 -19.73
N SER B 166 -7.06 4.30 -20.78
CA SER B 166 -6.75 2.86 -20.85
C SER B 166 -5.70 2.37 -19.85
N THR B 167 -5.00 3.32 -19.23
CA THR B 167 -3.94 2.99 -18.30
C THR B 167 -4.49 2.25 -17.09
N VAL B 168 -5.72 2.59 -16.70
CA VAL B 168 -6.37 1.90 -15.55
C VAL B 168 -7.16 0.68 -16.03
N LYS B 169 -6.99 -0.41 -15.28
CA LYS B 169 -7.64 -1.69 -15.56
C LYS B 169 -8.68 -1.99 -14.49
N ASN B 170 -9.58 -2.92 -14.79
CA ASN B 170 -10.57 -3.29 -13.78
C ASN B 170 -9.99 -4.05 -12.58
N SER B 171 -8.72 -4.46 -12.69
CA SER B 171 -8.01 -5.09 -11.58
C SER B 171 -7.40 -4.04 -10.65
N MET B 172 -7.78 -2.78 -10.85
CA MET B 172 -7.27 -1.69 -10.00
C MET B 172 -8.41 -0.94 -9.35
N VAL B 173 -8.09 -0.26 -8.25
CA VAL B 173 -9.00 0.71 -7.65
C VAL B 173 -8.37 2.08 -7.77
N CYS B 174 -9.16 3.08 -8.19
CA CYS B 174 -8.72 4.47 -8.18
C CYS B 174 -9.32 5.18 -6.97
N ALA B 175 -8.56 6.10 -6.35
CA ALA B 175 -9.16 6.84 -5.25
C ALA B 175 -8.53 8.22 -5.17
N GLY B 176 -9.35 9.22 -4.86
CA GLY B 176 -8.86 10.60 -4.75
C GLY B 176 -8.96 11.40 -6.06
N GLY B 177 -7.86 12.04 -6.45
CA GLY B 177 -7.88 12.87 -7.67
C GLY B 177 -8.35 14.31 -7.49
N ASP B 178 -8.45 14.77 -6.24
CA ASP B 178 -8.95 16.13 -5.96
C ASP B 178 -7.92 17.25 -6.17
N GLY B 179 -6.68 16.86 -6.47
CA GLY B 179 -5.58 17.81 -6.67
C GLY B 179 -4.91 18.29 -5.39
N VAL B 180 -5.39 17.80 -4.23
CA VAL B 180 -4.87 18.23 -2.92
C VAL B 180 -4.26 17.05 -2.14
N ARG B 181 -4.99 15.93 -2.15
CA ARG B 181 -4.62 14.75 -1.35
C ARG B 181 -4.33 13.58 -2.25
N SER B 182 -3.33 12.79 -1.87
CA SER B 182 -2.93 11.68 -2.74
C SER B 182 -1.89 10.81 -2.07
N GLY B 183 -1.68 9.62 -2.61
CA GLY B 183 -0.42 8.92 -2.31
C GLY B 183 0.75 9.63 -2.97
N CYS B 184 1.97 9.26 -2.56
CA CYS B 184 3.16 9.80 -3.22
C CYS B 184 4.28 8.84 -2.94
N GLN B 185 5.44 9.06 -3.52
CA GLN B 185 6.49 8.05 -3.44
C GLN B 185 6.82 7.62 -2.01
N GLY B 186 6.89 6.31 -1.82
CA GLY B 186 7.11 5.77 -0.50
C GLY B 186 5.82 5.24 0.13
N ASP B 187 4.68 5.54 -0.50
CA ASP B 187 3.39 5.00 -0.03
C ASP B 187 3.14 3.68 -0.73
N SER B 188 3.79 3.50 -1.89
CA SER B 188 3.69 2.25 -2.69
C SER B 188 3.63 1.03 -1.81
N GLY B 189 2.75 0.08 -2.13
CA GLY B 189 2.75 -1.20 -1.41
C GLY B 189 1.82 -1.20 -0.21
N GLY B 190 1.55 -0.01 0.31
CA GLY B 190 0.69 0.14 1.49
C GLY B 190 -0.79 -0.04 1.18
N PRO B 191 -1.62 0.02 2.22
CA PRO B 191 -3.04 -0.20 2.13
C PRO B 191 -3.87 1.06 1.69
N LEU B 192 -4.98 0.77 1.02
CA LEU B 192 -6.12 1.66 0.96
C LEU B 192 -7.18 0.98 1.81
N HIS B 193 -7.56 1.63 2.90
CA HIS B 193 -8.55 1.08 3.84
C HIS B 193 -9.91 1.68 3.50
N CYS B 194 -10.91 0.84 3.21
CA CYS B 194 -12.23 1.40 2.87
C CYS B 194 -13.28 0.86 3.80
N LEU B 195 -14.21 1.72 4.20
CA LEU B 195 -15.22 1.38 5.20
C LEU B 195 -16.41 0.74 4.48
N VAL B 196 -16.69 -0.52 4.82
CA VAL B 196 -17.79 -1.24 4.18
C VAL B 196 -18.50 -2.03 5.28
N ASN B 197 -19.83 -1.85 5.39
CA ASN B 197 -20.63 -2.52 6.45
C ASN B 197 -19.99 -2.40 7.85
N GLY B 198 -19.53 -1.19 8.12
CA GLY B 198 -19.03 -0.83 9.43
C GLY B 198 -17.58 -1.18 9.73
N GLN B 199 -16.94 -1.93 8.83
CA GLN B 199 -15.59 -2.41 9.04
C GLN B 199 -14.69 -1.85 7.94
N TYR B 200 -13.54 -1.34 8.34
CA TYR B 200 -12.48 -1.01 7.38
C TYR B 200 -11.86 -2.30 6.86
N ALA B 201 -11.67 -2.39 5.54
CA ALA B 201 -10.98 -3.50 4.93
C ALA B 201 -9.95 -2.93 3.97
N VAL B 202 -8.90 -3.69 3.72
CA VAL B 202 -7.85 -3.20 2.82
C VAL B 202 -8.22 -3.57 1.38
N HIS B 203 -8.77 -2.59 0.66
CA HIS B 203 -9.23 -2.82 -0.72
C HIS B 203 -8.16 -2.57 -1.76
N GLY B 204 -7.10 -1.84 -1.39
CA GLY B 204 -6.07 -1.50 -2.36
C GLY B 204 -4.66 -1.73 -1.84
N VAL B 205 -3.75 -2.02 -2.78
CA VAL B 205 -2.30 -1.98 -2.57
C VAL B 205 -1.75 -0.83 -3.42
N THR B 206 -1.16 0.18 -2.79
CA THR B 206 -0.81 1.39 -3.53
C THR B 206 0.18 1.10 -4.66
N SER B 207 -0.18 1.49 -5.89
CA SER B 207 0.60 1.12 -7.09
C SER B 207 1.26 2.27 -7.85
N PHE B 208 0.47 3.26 -8.25
CA PHE B 208 1.05 4.38 -8.97
C PHE B 208 0.27 5.67 -8.91
N VAL B 209 0.99 6.76 -9.18
CA VAL B 209 0.44 8.08 -9.40
C VAL B 209 0.97 8.58 -10.76
N SER B 210 0.47 9.74 -11.19
CA SER B 210 0.90 10.37 -12.46
C SER B 210 2.40 10.64 -12.47
N ARG B 211 3.03 10.52 -13.64
CA ARG B 211 4.40 10.98 -13.73
C ARG B 211 4.49 12.50 -13.55
N LEU B 212 3.37 13.20 -13.74
CA LEU B 212 3.34 14.66 -13.65
C LEU B 212 3.39 15.12 -12.19
N GLY B 213 2.91 14.29 -11.27
CA GLY B 213 2.98 14.63 -9.86
C GLY B 213 2.05 13.75 -9.04
N CYS B 214 2.17 13.85 -7.73
CA CYS B 214 1.35 13.04 -6.86
C CYS B 214 -0.11 13.51 -6.81
N ASN B 215 -0.30 14.72 -6.32
CA ASN B 215 -1.64 15.31 -6.23
C ASN B 215 -1.97 16.09 -7.49
N VAL B 216 -2.45 15.38 -8.51
CA VAL B 216 -2.81 15.95 -9.78
C VAL B 216 -4.31 15.75 -9.95
N THR B 217 -5.04 16.83 -10.26
CA THR B 217 -6.49 16.74 -10.41
C THR B 217 -6.83 15.80 -11.55
N ARG B 218 -7.78 14.90 -11.28
CA ARG B 218 -8.22 13.85 -12.23
C ARG B 218 -7.15 12.83 -12.54
N LYS B 219 -6.11 12.77 -11.69
CA LYS B 219 -5.22 11.61 -11.71
C LYS B 219 -5.23 10.98 -10.32
N PRO B 220 -6.33 10.32 -9.97
CA PRO B 220 -6.38 9.70 -8.64
C PRO B 220 -5.27 8.69 -8.44
N THR B 221 -4.93 8.45 -7.18
CA THR B 221 -3.96 7.42 -6.88
C THR B 221 -4.53 6.09 -7.33
N VAL B 222 -3.67 5.23 -7.86
CA VAL B 222 -4.13 3.94 -8.36
C VAL B 222 -3.54 2.82 -7.50
N PHE B 223 -4.41 1.87 -7.20
CA PHE B 223 -4.13 0.73 -6.33
C PHE B 223 -4.44 -0.57 -7.03
N THR B 224 -3.64 -1.59 -6.79
CA THR B 224 -4.02 -2.98 -7.11
C THR B 224 -5.28 -3.34 -6.33
N ARG B 225 -6.27 -3.92 -7.01
CA ARG B 225 -7.54 -4.23 -6.34
C ARG B 225 -7.39 -5.52 -5.61
N VAL B 226 -7.34 -5.44 -4.29
CA VAL B 226 -7.07 -6.65 -3.51
C VAL B 226 -8.09 -7.77 -3.80
N SER B 227 -9.36 -7.37 -4.01
CA SER B 227 -10.41 -8.38 -4.13
C SER B 227 -10.33 -9.18 -5.44
N ALA B 228 -9.50 -8.70 -6.37
CA ALA B 228 -9.17 -9.47 -7.58
C ALA B 228 -8.14 -10.59 -7.38
N TYR B 229 -7.46 -10.58 -6.22
CA TYR B 229 -6.31 -11.46 -5.95
C TYR B 229 -6.48 -12.41 -4.76
N ILE B 230 -7.70 -12.53 -4.23
CA ILE B 230 -7.88 -13.38 -3.04
C ILE B 230 -7.41 -14.82 -3.25
N SER B 231 -7.80 -15.42 -4.39
CA SER B 231 -7.37 -16.79 -4.69
C SER B 231 -5.88 -16.90 -4.85
N TRP B 232 -5.28 -15.94 -5.56
CA TRP B 232 -3.81 -15.91 -5.69
C TRP B 232 -3.14 -15.85 -4.31
N ILE B 233 -3.60 -14.91 -3.47
CA ILE B 233 -3.05 -14.78 -2.13
C ILE B 233 -3.18 -16.06 -1.33
N ASN B 234 -4.38 -16.65 -1.30
CA ASN B 234 -4.58 -17.92 -0.59
C ASN B 234 -3.67 -19.02 -1.13
N ASN B 235 -3.53 -19.06 -2.46
CA ASN B 235 -2.70 -20.09 -3.08
C ASN B 235 -1.24 -19.99 -2.69
N VAL B 236 -0.74 -18.76 -2.60
CA VAL B 236 0.65 -18.58 -2.17
C VAL B 236 0.86 -18.98 -0.73
N ILE B 237 -0.06 -18.57 0.15
CA ILE B 237 0.11 -18.83 1.57
C ILE B 237 0.02 -20.33 1.82
N ALA B 238 -0.84 -21.01 1.08
CA ALA B 238 -1.04 -22.47 1.23
C ALA B 238 0.14 -23.29 0.70
N SER B 239 0.85 -22.78 -0.31
CA SER B 239 1.99 -23.50 -0.90
C SER B 239 3.36 -23.12 -0.34
N ASN B 240 3.38 -22.22 0.63
CA ASN B 240 4.64 -21.73 1.22
C ASN B 240 4.59 -21.76 2.74
CA CA C . 9.72 4.38 15.40
S SO4 D . -12.81 -10.27 -9.90
O1 SO4 D . -12.29 -9.43 -10.97
O2 SO4 D . -14.26 -10.39 -10.11
O3 SO4 D . -12.50 -9.74 -8.58
O4 SO4 D . -12.25 -11.61 -10.01
#